data_9EUD
#
_entry.id   9EUD
#
_cell.length_a   48.439
_cell.length_b   48.439
_cell.length_c   190.160
_cell.angle_alpha   90.000
_cell.angle_beta   90.000
_cell.angle_gamma   120.000
#
_symmetry.space_group_name_H-M   'P 32 2 1'
#
loop_
_entity.id
_entity.type
_entity.pdbx_description
1 polymer 'Peptidyl-prolyl cis-trans isomerase FKBP5'
2 non-polymer '(1-propan-2-ylpyrazol-4-yl)methyl (2S)-1-[(2S)-2-cyclohexyl-2-(3,4,5-trimethoxyphenyl)ethanoyl]piperidine-2-carboxylate'
3 water water
#
_entity_poly.entity_id   1
_entity_poly.type   'polypeptide(L)'
_entity_poly.pdbx_seq_one_letter_code
;GAPATVTEQGEDITSKKDRGVLKIVKRVGNGEETPMIGDKVYVHYKGKLSNGKKFDSSHDRNEPFVFSLGKGQVIKAWDI
GVATMKKGEIAHLLIKPEYAYGSAGSLPKIPSNATLFFEIELLDFKGE
;
_entity_poly.pdbx_strand_id   A,B
#
loop_
_chem_comp.id
_chem_comp.type
_chem_comp.name
_chem_comp.formula
A1H7G non-polymer '(1-propan-2-ylpyrazol-4-yl)methyl (2S)-1-[(2S)-2-cyclohexyl-2-(3,4,5-trimethoxyphenyl)ethanoyl]piperidine-2-carboxylate' 'C30 H43 N3 O6'
#
# COMPACT_ATOMS: atom_id res chain seq x y z
N GLU A 8 13.48 -15.68 10.52
CA GLU A 8 13.22 -16.36 9.23
C GLU A 8 12.87 -17.82 9.51
N GLN A 9 12.22 -18.04 10.65
CA GLN A 9 11.73 -19.35 11.03
C GLN A 9 10.20 -19.23 11.06
N GLY A 10 9.51 -20.36 11.19
CA GLY A 10 8.07 -20.42 11.00
C GLY A 10 7.67 -21.36 9.85
N GLU A 11 6.41 -21.77 9.85
CA GLU A 11 5.79 -22.51 8.77
C GLU A 11 5.46 -21.53 7.65
N ASP A 12 5.86 -21.89 6.43
CA ASP A 12 5.47 -21.15 5.25
C ASP A 12 4.02 -21.46 4.97
N ILE A 13 3.15 -20.46 5.18
CA ILE A 13 1.71 -20.69 5.01
C ILE A 13 1.21 -20.01 3.74
N THR A 14 2.11 -19.49 2.89
CA THR A 14 1.71 -18.90 1.60
C THR A 14 1.29 -20.02 0.67
N SER A 15 0.55 -19.66 -0.38
CA SER A 15 0.14 -20.59 -1.42
C SER A 15 1.32 -20.88 -2.35
N LYS A 16 2.07 -19.84 -2.74
CA LYS A 16 3.18 -19.99 -3.68
C LYS A 16 4.39 -20.62 -3.00
N LYS A 17 4.32 -20.87 -1.68
CA LYS A 17 5.45 -21.39 -0.93
C LYS A 17 6.71 -20.57 -1.21
N ASP A 18 6.65 -19.26 -0.97
CA ASP A 18 7.76 -18.37 -1.25
C ASP A 18 8.36 -17.84 0.06
N ARG A 19 7.84 -18.30 1.20
CA ARG A 19 8.31 -17.92 2.53
C ARG A 19 8.03 -16.44 2.83
N GLY A 20 6.98 -15.90 2.22
CA GLY A 20 6.58 -14.51 2.41
C GLY A 20 5.89 -14.29 3.74
N VAL A 21 5.33 -15.38 4.29
CA VAL A 21 4.56 -15.33 5.52
C VAL A 21 4.94 -16.56 6.32
N LEU A 22 5.63 -16.33 7.44
CA LEU A 22 6.10 -17.37 8.31
C LEU A 22 5.31 -17.29 9.61
N LYS A 23 4.84 -18.45 10.10
CA LYS A 23 3.90 -18.53 11.22
C LYS A 23 4.41 -19.50 12.29
N ILE A 24 4.35 -19.06 13.54
CA ILE A 24 4.54 -19.95 14.66
C ILE A 24 3.35 -19.81 15.59
N VAL A 25 2.80 -20.96 15.98
CA VAL A 25 1.79 -21.02 17.03
C VAL A 25 2.52 -20.86 18.36
N LYS A 26 2.13 -19.87 19.16
CA LYS A 26 2.73 -19.64 20.46
C LYS A 26 1.80 -20.20 21.55
N ARG A 27 0.48 -20.11 21.34
CA ARG A 27 -0.48 -20.75 22.23
C ARG A 27 -1.59 -21.37 21.39
N VAL A 28 -1.83 -22.67 21.63
CA VAL A 28 -2.80 -23.43 20.88
C VAL A 28 -4.20 -22.98 21.31
N GLY A 29 -5.14 -22.96 20.35
CA GLY A 29 -6.52 -22.61 20.60
C GLY A 29 -7.37 -23.84 20.95
N ASN A 30 -8.70 -23.74 20.74
CA ASN A 30 -9.66 -24.78 21.09
C ASN A 30 -10.43 -25.22 19.85
N GLY A 31 -10.77 -26.51 19.81
CA GLY A 31 -11.60 -27.07 18.76
C GLY A 31 -10.76 -27.45 17.52
N GLU A 32 -11.46 -27.70 16.42
CA GLU A 32 -10.83 -27.90 15.12
C GLU A 32 -11.06 -26.65 14.24
N GLU A 33 -12.16 -25.93 14.48
CA GLU A 33 -12.69 -24.95 13.53
C GLU A 33 -11.74 -23.76 13.41
N THR A 34 -11.47 -23.35 12.17
CA THR A 34 -10.90 -22.04 11.89
C THR A 34 -11.90 -21.25 11.05
N PRO A 35 -11.80 -19.91 10.99
CA PRO A 35 -12.83 -19.11 10.32
C PRO A 35 -12.83 -19.21 8.80
N MET A 36 -14.03 -19.02 8.22
CA MET A 36 -14.24 -19.00 6.78
C MET A 36 -14.13 -17.57 6.29
N ILE A 37 -13.74 -17.43 5.01
CA ILE A 37 -13.84 -16.17 4.29
C ILE A 37 -15.22 -15.58 4.58
N GLY A 38 -15.24 -14.29 4.92
CA GLY A 38 -16.48 -13.56 5.13
C GLY A 38 -16.93 -13.60 6.58
N ASP A 39 -16.27 -14.41 7.42
CA ASP A 39 -16.58 -14.42 8.85
C ASP A 39 -16.14 -13.08 9.45
N LYS A 40 -16.89 -12.60 10.45
CA LYS A 40 -16.43 -11.49 11.28
C LYS A 40 -15.46 -12.06 12.31
N VAL A 41 -14.25 -11.47 12.36
CA VAL A 41 -13.19 -11.94 13.22
C VAL A 41 -12.82 -10.87 14.25
N TYR A 42 -12.62 -11.32 15.50
CA TYR A 42 -12.24 -10.53 16.65
C TYR A 42 -10.84 -10.95 17.13
N VAL A 43 -9.90 -10.01 17.15
CA VAL A 43 -8.53 -10.30 17.58
C VAL A 43 -8.01 -9.21 18.52
N HIS A 44 -7.05 -9.60 19.34
CA HIS A 44 -6.03 -8.69 19.83
C HIS A 44 -4.75 -8.95 19.05
N TYR A 45 -3.98 -7.89 18.85
CA TYR A 45 -2.68 -8.02 18.22
C TYR A 45 -1.75 -6.95 18.78
N LYS A 46 -0.47 -7.25 18.61
CA LYS A 46 0.60 -6.27 18.74
C LYS A 46 1.43 -6.48 17.49
N GLY A 47 1.90 -5.40 16.89
CA GLY A 47 2.61 -5.51 15.63
C GLY A 47 3.71 -4.48 15.56
N LYS A 48 4.77 -4.78 14.80
CA LYS A 48 5.89 -3.86 14.70
C LYS A 48 6.57 -4.03 13.35
N LEU A 49 7.33 -3.00 12.95
CA LEU A 49 8.24 -3.08 11.82
C LEU A 49 9.46 -3.85 12.31
N SER A 50 10.09 -4.62 11.42
CA SER A 50 11.31 -5.34 11.72
C SER A 50 12.38 -4.34 12.19
N ASN A 51 12.46 -3.19 11.52
CA ASN A 51 13.23 -2.08 12.06
C ASN A 51 12.35 -1.49 13.16
N GLY A 52 12.62 -1.83 14.42
CA GLY A 52 11.65 -1.62 15.49
C GLY A 52 11.50 -0.16 15.89
N LYS A 53 11.02 0.67 14.95
CA LYS A 53 10.81 2.10 15.19
C LYS A 53 9.31 2.42 15.11
N LYS A 54 8.45 1.41 14.95
CA LYS A 54 7.01 1.62 15.02
C LYS A 54 6.33 0.35 15.53
N PHE A 55 5.69 0.47 16.69
CA PHE A 55 4.96 -0.61 17.34
C PHE A 55 3.49 -0.20 17.45
N ASP A 56 2.58 -1.05 16.93
CA ASP A 56 1.15 -0.78 17.03
C ASP A 56 0.45 -1.91 17.79
N SER A 57 -0.64 -1.56 18.50
CA SER A 57 -1.30 -2.48 19.42
C SER A 57 -2.79 -2.15 19.57
N SER A 58 -3.63 -3.20 19.52
CA SER A 58 -5.03 -3.10 19.92
C SER A 58 -5.16 -2.86 21.42
N HIS A 59 -4.15 -3.30 22.18
CA HIS A 59 -4.18 -3.16 23.62
C HIS A 59 -4.08 -1.68 24.02
N ASP A 60 -3.49 -0.85 23.14
CA ASP A 60 -3.34 0.58 23.38
C ASP A 60 -4.70 1.28 23.36
N ARG A 61 -5.78 0.54 23.06
CA ARG A 61 -7.15 0.97 23.29
C ARG A 61 -7.90 -0.02 24.21
N ASN A 62 -7.40 -1.25 24.30
CA ASN A 62 -7.99 -2.29 25.14
C ASN A 62 -9.31 -2.77 24.51
N GLU A 63 -9.37 -2.64 23.18
CA GLU A 63 -10.56 -2.86 22.37
C GLU A 63 -10.25 -3.92 21.32
N PRO A 64 -11.09 -4.98 21.16
CA PRO A 64 -10.80 -6.03 20.19
C PRO A 64 -10.78 -5.43 18.77
N PHE A 65 -9.80 -5.86 17.97
CA PHE A 65 -9.70 -5.44 16.58
C PHE A 65 -10.53 -6.42 15.73
N VAL A 66 -11.43 -5.85 14.93
CA VAL A 66 -12.47 -6.59 14.23
C VAL A 66 -12.40 -6.28 12.74
N PHE A 67 -12.61 -7.31 11.92
CA PHE A 67 -12.52 -7.19 10.48
C PHE A 67 -13.22 -8.41 9.87
N SER A 68 -13.48 -8.27 8.57
CA SER A 68 -14.15 -9.28 7.78
C SER A 68 -13.11 -10.08 7.01
N LEU A 69 -12.98 -11.39 7.31
CA LEU A 69 -11.86 -12.19 6.85
C LEU A 69 -11.93 -12.40 5.35
N GLY A 70 -10.76 -12.27 4.71
CA GLY A 70 -10.59 -12.62 3.30
C GLY A 70 -11.07 -11.53 2.34
N LYS A 71 -11.45 -10.34 2.86
CA LYS A 71 -12.00 -9.30 2.02
C LYS A 71 -10.92 -8.30 1.59
N GLY A 72 -9.67 -8.51 1.99
CA GLY A 72 -8.65 -7.52 1.78
C GLY A 72 -8.89 -6.20 2.53
N GLN A 73 -9.58 -6.25 3.69
CA GLN A 73 -9.68 -5.09 4.57
C GLN A 73 -8.40 -4.87 5.39
N VAL A 74 -7.55 -5.89 5.41
CA VAL A 74 -6.26 -5.86 6.07
C VAL A 74 -5.21 -6.42 5.12
N ILE A 75 -3.93 -6.36 5.49
CA ILE A 75 -2.88 -6.83 4.59
C ILE A 75 -3.12 -8.31 4.30
N LYS A 76 -2.67 -8.74 3.10
CA LYS A 76 -2.82 -10.11 2.62
C LYS A 76 -2.36 -11.13 3.67
N ALA A 77 -1.30 -10.81 4.44
CA ALA A 77 -0.71 -11.77 5.33
C ALA A 77 -1.66 -12.05 6.47
N TRP A 78 -2.47 -11.05 6.83
CA TRP A 78 -3.48 -11.25 7.85
C TRP A 78 -4.60 -12.18 7.39
N ASP A 79 -5.15 -11.90 6.22
CA ASP A 79 -6.21 -12.70 5.67
C ASP A 79 -5.78 -14.16 5.54
N ILE A 80 -4.53 -14.37 5.11
CA ILE A 80 -3.99 -15.71 4.99
C ILE A 80 -3.83 -16.28 6.39
N GLY A 81 -3.29 -15.46 7.29
CA GLY A 81 -2.74 -15.93 8.54
C GLY A 81 -3.84 -16.27 9.54
N VAL A 82 -4.80 -15.34 9.69
CA VAL A 82 -5.88 -15.51 10.63
C VAL A 82 -6.77 -16.68 10.22
N ALA A 83 -6.80 -16.98 8.92
CA ALA A 83 -7.59 -18.09 8.43
C ALA A 83 -7.02 -19.42 8.93
N THR A 84 -5.73 -19.46 9.29
CA THR A 84 -5.14 -20.69 9.81
C THR A 84 -5.41 -20.85 11.31
N MET A 85 -6.04 -19.86 11.96
CA MET A 85 -5.97 -19.83 13.42
C MET A 85 -7.22 -20.45 14.02
N LYS A 86 -7.05 -21.12 15.18
CA LYS A 86 -8.17 -21.63 15.96
C LYS A 86 -8.52 -20.58 17.03
N LYS A 87 -9.79 -20.57 17.45
CA LYS A 87 -10.24 -19.68 18.52
C LYS A 87 -9.38 -19.96 19.74
N GLY A 88 -8.83 -18.88 20.32
CA GLY A 88 -8.01 -18.97 21.52
C GLY A 88 -6.52 -19.01 21.19
N GLU A 89 -6.22 -19.16 19.90
CA GLU A 89 -4.84 -19.31 19.46
C GLU A 89 -4.10 -17.97 19.51
N ILE A 90 -2.85 -18.04 19.98
CA ILE A 90 -1.92 -16.95 19.82
C ILE A 90 -0.82 -17.39 18.85
N ALA A 91 -0.59 -16.58 17.81
CA ALA A 91 0.40 -16.89 16.78
C ALA A 91 1.24 -15.67 16.43
N HIS A 92 2.46 -15.94 15.98
CA HIS A 92 3.39 -14.96 15.46
C HIS A 92 3.53 -15.16 13.95
N LEU A 93 3.47 -14.03 13.24
CA LEU A 93 3.66 -13.97 11.80
C LEU A 93 4.83 -13.04 11.51
N LEU A 94 5.83 -13.53 10.75
CA LEU A 94 6.83 -12.69 10.10
C LEU A 94 6.49 -12.55 8.60
N ILE A 95 6.45 -11.30 8.13
CA ILE A 95 5.76 -10.96 6.89
C ILE A 95 6.68 -10.16 5.97
N LYS A 96 7.04 -10.72 4.80
CA LYS A 96 7.80 -9.99 3.80
C LYS A 96 6.88 -8.97 3.12
N PRO A 97 7.45 -7.90 2.51
CA PRO A 97 6.65 -6.82 1.91
C PRO A 97 5.60 -7.17 0.86
N GLU A 98 5.81 -8.28 0.14
CA GLU A 98 4.87 -8.74 -0.88
C GLU A 98 3.50 -9.08 -0.26
N TYR A 99 3.49 -9.48 1.02
CA TYR A 99 2.23 -9.82 1.69
C TYR A 99 1.80 -8.74 2.68
N ALA A 100 2.45 -7.57 2.65
CA ALA A 100 2.12 -6.46 3.53
C ALA A 100 1.92 -5.20 2.70
N TYR A 101 2.92 -4.27 2.65
CA TYR A 101 2.70 -2.97 1.99
C TYR A 101 3.58 -2.78 0.75
N GLY A 102 4.38 -3.78 0.41
CA GLY A 102 5.01 -3.83 -0.89
C GLY A 102 6.05 -2.73 -1.08
N SER A 103 6.35 -2.46 -2.34
CA SER A 103 7.43 -1.56 -2.69
C SER A 103 7.00 -0.11 -2.49
N ALA A 104 5.68 0.16 -2.53
CA ALA A 104 5.20 1.53 -2.35
C ALA A 104 5.14 1.86 -0.87
N GLY A 105 5.03 0.86 0.01
CA GLY A 105 4.91 1.12 1.44
C GLY A 105 3.60 1.83 1.75
N SER A 106 3.53 2.48 2.92
CA SER A 106 2.38 3.26 3.35
C SER A 106 2.86 4.38 4.28
N LEU A 107 3.48 5.41 3.70
CA LEU A 107 3.99 6.48 4.54
C LEU A 107 2.82 7.19 5.22
N PRO A 108 3.01 7.74 6.44
CA PRO A 108 4.29 7.70 7.15
C PRO A 108 4.59 6.43 7.94
N LYS A 109 3.56 5.60 8.19
CA LYS A 109 3.72 4.44 9.04
C LYS A 109 4.75 3.45 8.48
N ILE A 110 4.54 3.03 7.23
CA ILE A 110 5.25 1.89 6.67
C ILE A 110 6.19 2.35 5.56
N PRO A 111 7.51 2.11 5.68
CA PRO A 111 8.45 2.40 4.59
C PRO A 111 8.38 1.37 3.46
N SER A 112 8.96 1.72 2.31
CA SER A 112 9.06 0.83 1.18
C SER A 112 9.72 -0.49 1.59
N ASN A 113 9.18 -1.61 1.12
CA ASN A 113 9.80 -2.93 1.23
C ASN A 113 10.01 -3.33 2.71
N ALA A 114 9.04 -3.00 3.57
CA ALA A 114 9.14 -3.27 4.98
C ALA A 114 8.75 -4.73 5.29
N THR A 115 9.48 -5.33 6.22
CA THR A 115 9.10 -6.58 6.86
C THR A 115 8.38 -6.25 8.18
N LEU A 116 7.25 -6.94 8.42
CA LEU A 116 6.47 -6.69 9.61
C LEU A 116 6.39 -7.97 10.45
N PHE A 117 6.20 -7.75 11.75
CA PHE A 117 5.97 -8.81 12.70
C PHE A 117 4.66 -8.54 13.43
N PHE A 118 3.85 -9.58 13.64
CA PHE A 118 2.69 -9.48 14.49
C PHE A 118 2.61 -10.66 15.46
N GLU A 119 2.12 -10.34 16.65
CA GLU A 119 1.54 -11.31 17.56
C GLU A 119 0.03 -11.10 17.52
N ILE A 120 -0.68 -12.19 17.21
CA ILE A 120 -2.13 -12.18 17.06
C ILE A 120 -2.71 -13.23 18.02
N GLU A 121 -3.70 -12.78 18.81
CA GLU A 121 -4.66 -13.64 19.49
C GLU A 121 -6.00 -13.63 18.77
N LEU A 122 -6.45 -14.80 18.28
CA LEU A 122 -7.82 -14.93 17.80
C LEU A 122 -8.76 -15.19 18.96
N LEU A 123 -9.71 -14.28 19.15
CA LEU A 123 -10.62 -14.28 20.29
C LEU A 123 -11.85 -15.11 19.96
N ASP A 124 -12.37 -14.86 18.75
CA ASP A 124 -13.70 -15.31 18.38
C ASP A 124 -13.86 -15.01 16.90
N PHE A 125 -14.76 -15.75 16.24
CA PHE A 125 -15.24 -15.40 14.92
C PHE A 125 -16.71 -15.80 14.85
N LYS A 126 -17.47 -15.12 13.99
CA LYS A 126 -18.86 -15.47 13.76
C LYS A 126 -19.18 -15.25 12.28
N GLY A 127 -20.07 -16.09 11.75
CA GLY A 127 -20.70 -15.85 10.46
C GLY A 127 -21.68 -14.70 10.57
N GLU A 128 -21.38 -13.58 9.91
CA GLU A 128 -22.34 -12.49 9.74
C GLU A 128 -23.45 -12.97 8.77
N GLY B 1 12.96 23.19 -17.73
CA GLY B 1 12.49 21.80 -17.77
C GLY B 1 11.06 21.66 -17.25
N ALA B 2 10.49 20.48 -17.50
CA ALA B 2 9.15 20.17 -17.05
C ALA B 2 9.08 20.27 -15.52
N PRO B 3 10.08 19.77 -14.77
CA PRO B 3 10.09 19.92 -13.30
C PRO B 3 10.08 21.38 -12.86
N ALA B 4 10.82 22.25 -13.58
CA ALA B 4 10.81 23.68 -13.31
C ALA B 4 9.42 24.29 -13.49
N THR B 5 8.81 24.01 -14.65
CA THR B 5 7.50 24.51 -15.02
C THR B 5 6.45 24.10 -13.98
N VAL B 6 6.46 22.81 -13.62
CA VAL B 6 5.49 22.23 -12.70
C VAL B 6 6.05 22.26 -11.27
N THR B 7 6.67 23.39 -10.95
CA THR B 7 7.15 23.74 -9.62
C THR B 7 7.11 25.26 -9.49
N GLU B 8 6.26 25.89 -10.31
CA GLU B 8 6.05 27.33 -10.28
C GLU B 8 4.65 27.65 -10.82
N GLN B 9 4.17 26.83 -11.78
CA GLN B 9 2.83 26.96 -12.31
C GLN B 9 1.89 25.87 -11.77
N GLY B 10 2.45 24.84 -11.11
CA GLY B 10 1.71 23.66 -10.67
C GLY B 10 0.79 23.95 -9.48
N GLU B 11 -0.41 23.35 -9.48
CA GLU B 11 -1.31 23.46 -8.35
C GLU B 11 -0.84 22.53 -7.22
N ASP B 12 -0.79 23.04 -5.98
CA ASP B 12 -0.63 22.21 -4.78
C ASP B 12 -1.94 21.45 -4.54
N ILE B 13 -1.92 20.12 -4.74
CA ILE B 13 -3.14 19.33 -4.61
C ILE B 13 -3.15 18.51 -3.30
N THR B 14 -2.19 18.72 -2.40
CA THR B 14 -2.24 18.14 -1.07
C THR B 14 -3.33 18.81 -0.25
N SER B 15 -3.73 18.09 0.82
CA SER B 15 -4.70 18.58 1.79
C SER B 15 -4.04 19.60 2.72
N LYS B 16 -2.87 19.23 3.24
CA LYS B 16 -2.13 20.02 4.20
C LYS B 16 -1.53 21.28 3.56
N LYS B 17 -1.64 21.42 2.23
CA LYS B 17 -1.07 22.54 1.50
C LYS B 17 0.41 22.70 1.86
N ASP B 18 1.20 21.64 1.66
CA ASP B 18 2.61 21.66 2.01
C ASP B 18 3.46 21.59 0.73
N ARG B 19 2.81 21.62 -0.44
CA ARG B 19 3.46 21.60 -1.73
C ARG B 19 4.17 20.25 -1.99
N GLY B 20 3.69 19.18 -1.36
CA GLY B 20 4.32 17.87 -1.49
C GLY B 20 4.00 17.18 -2.81
N VAL B 21 2.90 17.63 -3.45
CA VAL B 21 2.49 17.15 -4.74
C VAL B 21 2.00 18.35 -5.55
N LEU B 22 2.71 18.67 -6.63
CA LEU B 22 2.32 19.75 -7.52
C LEU B 22 1.94 19.19 -8.90
N LYS B 23 0.96 19.83 -9.58
CA LYS B 23 0.31 19.24 -10.74
C LYS B 23 0.07 20.25 -11.87
N ILE B 24 0.42 19.87 -13.10
CA ILE B 24 -0.06 20.61 -14.27
C ILE B 24 -0.76 19.65 -15.22
N VAL B 25 -1.95 20.08 -15.67
CA VAL B 25 -2.64 19.41 -16.76
C VAL B 25 -1.95 19.80 -18.06
N LYS B 26 -1.46 18.81 -18.81
CA LYS B 26 -0.80 19.06 -20.08
C LYS B 26 -1.73 18.66 -21.22
N ARG B 27 -2.64 17.69 -20.99
CA ARG B 27 -3.70 17.42 -21.96
C ARG B 27 -4.99 17.13 -21.19
N VAL B 28 -6.06 17.87 -21.51
CA VAL B 28 -7.33 17.77 -20.81
C VAL B 28 -7.99 16.45 -21.22
N GLY B 29 -8.66 15.82 -20.26
CA GLY B 29 -9.41 14.59 -20.49
C GLY B 29 -10.85 14.89 -20.89
N ASN B 30 -11.66 13.84 -20.98
CA ASN B 30 -13.00 13.88 -21.54
C ASN B 30 -14.01 13.50 -20.45
N GLY B 31 -15.06 14.31 -20.33
CA GLY B 31 -16.01 14.22 -19.24
C GLY B 31 -15.52 15.01 -18.03
N GLU B 32 -16.30 14.96 -16.95
CA GLU B 32 -15.96 15.59 -15.69
C GLU B 32 -15.52 14.55 -14.66
N GLU B 33 -15.97 13.30 -14.85
CA GLU B 33 -15.76 12.18 -13.95
C GLU B 33 -14.28 11.90 -13.75
N THR B 34 -13.89 11.75 -12.48
CA THR B 34 -12.58 11.28 -12.10
C THR B 34 -12.77 10.07 -11.20
N PRO B 35 -11.77 9.17 -11.08
CA PRO B 35 -11.97 7.89 -10.40
C PRO B 35 -12.10 7.97 -8.88
N MET B 36 -12.88 7.03 -8.33
CA MET B 36 -13.13 6.90 -6.90
C MET B 36 -12.16 5.90 -6.31
N ILE B 37 -11.94 6.04 -4.99
CA ILE B 37 -11.20 5.04 -4.24
C ILE B 37 -11.77 3.66 -4.61
N GLY B 38 -10.89 2.70 -4.88
CA GLY B 38 -11.31 1.33 -5.13
C GLY B 38 -11.52 1.08 -6.64
N ASP B 39 -11.47 2.13 -7.46
CA ASP B 39 -11.60 1.93 -8.90
C ASP B 39 -10.33 1.26 -9.43
N LYS B 40 -10.49 0.42 -10.46
CA LYS B 40 -9.35 -0.12 -11.20
C LYS B 40 -8.89 0.92 -12.21
N VAL B 41 -7.61 1.33 -12.15
CA VAL B 41 -7.08 2.40 -12.97
C VAL B 41 -5.98 1.89 -13.91
N TYR B 42 -6.07 2.36 -15.16
CA TYR B 42 -5.18 2.01 -16.27
C TYR B 42 -4.43 3.25 -16.74
N VAL B 43 -3.08 3.23 -16.68
CA VAL B 43 -2.28 4.38 -17.05
C VAL B 43 -1.06 3.95 -17.87
N HIS B 44 -0.57 4.89 -18.70
CA HIS B 44 0.82 4.93 -19.14
C HIS B 44 1.46 6.13 -18.46
N TYR B 45 2.72 5.99 -18.10
CA TYR B 45 3.44 7.02 -17.37
C TYR B 45 4.91 6.91 -17.75
N LYS B 46 5.64 7.98 -17.48
CA LYS B 46 7.09 8.02 -17.54
C LYS B 46 7.49 8.79 -16.28
N GLY B 47 8.61 8.44 -15.67
CA GLY B 47 8.98 9.12 -14.45
C GLY B 47 10.47 9.12 -14.24
N LYS B 48 10.94 9.95 -13.29
CA LYS B 48 12.36 10.05 -12.99
C LYS B 48 12.59 10.66 -11.61
N LEU B 49 13.81 10.45 -11.10
CA LEU B 49 14.31 11.09 -9.91
C LEU B 49 14.78 12.48 -10.31
N SER B 50 14.60 13.44 -9.38
CA SER B 50 15.11 14.81 -9.52
C SER B 50 16.61 14.77 -9.81
N ASN B 51 17.34 13.91 -9.07
CA ASN B 51 18.70 13.56 -9.41
C ASN B 51 18.60 12.87 -10.77
N GLY B 52 19.62 12.95 -11.60
CA GLY B 52 19.49 12.50 -12.98
C GLY B 52 19.54 10.97 -13.11
N LYS B 53 19.79 10.25 -12.00
CA LYS B 53 20.29 8.88 -12.04
C LYS B 53 19.34 7.89 -12.72
N LYS B 54 18.03 7.95 -12.44
CA LYS B 54 17.10 6.89 -12.84
C LYS B 54 15.81 7.44 -13.49
N PHE B 55 15.38 6.76 -14.55
CA PHE B 55 14.22 7.10 -15.37
C PHE B 55 13.42 5.83 -15.64
N ASP B 56 12.09 5.84 -15.45
CA ASP B 56 11.26 4.64 -15.56
C ASP B 56 10.06 4.93 -16.44
N SER B 57 9.55 3.90 -17.15
CA SER B 57 8.43 4.06 -18.07
C SER B 57 7.61 2.77 -18.22
N SER B 58 6.29 2.91 -18.25
CA SER B 58 5.38 1.87 -18.71
C SER B 58 5.50 1.67 -20.21
N HIS B 59 6.02 2.67 -20.94
CA HIS B 59 6.25 2.58 -22.37
C HIS B 59 7.28 1.48 -22.66
N ASP B 60 8.20 1.26 -21.71
CA ASP B 60 9.25 0.26 -21.84
C ASP B 60 8.69 -1.16 -21.71
N ARG B 61 7.36 -1.28 -21.58
CA ARG B 61 6.62 -2.50 -21.90
C ARG B 61 5.33 -2.07 -22.61
N ASN B 62 4.59 -3.01 -23.20
CA ASN B 62 3.40 -2.63 -23.97
C ASN B 62 2.18 -2.73 -23.07
N GLU B 63 2.39 -3.08 -21.78
CA GLU B 63 1.32 -3.20 -20.81
C GLU B 63 1.01 -1.80 -20.25
N PRO B 64 -0.28 -1.41 -20.18
CA PRO B 64 -0.67 -0.31 -19.30
C PRO B 64 -0.25 -0.68 -17.88
N PHE B 65 0.10 0.32 -17.07
CA PHE B 65 0.29 0.14 -15.63
C PHE B 65 -1.07 0.26 -14.94
N VAL B 66 -1.40 -0.78 -14.15
CA VAL B 66 -2.74 -0.98 -13.61
C VAL B 66 -2.65 -1.16 -12.10
N PHE B 67 -3.55 -0.48 -11.39
CA PHE B 67 -3.53 -0.51 -9.93
C PHE B 67 -4.92 -0.12 -9.45
N SER B 68 -5.13 -0.35 -8.15
CA SER B 68 -6.38 -0.09 -7.48
C SER B 68 -6.24 1.22 -6.73
N LEU B 69 -7.04 2.22 -7.11
CA LEU B 69 -6.83 3.59 -6.63
C LEU B 69 -7.17 3.72 -5.16
N GLY B 70 -6.30 4.44 -4.44
CA GLY B 70 -6.57 4.83 -3.07
C GLY B 70 -6.26 3.73 -2.05
N LYS B 71 -5.65 2.64 -2.50
CA LYS B 71 -5.35 1.48 -1.64
C LYS B 71 -3.92 1.58 -1.11
N GLY B 72 -3.19 2.62 -1.54
CA GLY B 72 -1.77 2.71 -1.22
C GLY B 72 -0.95 1.58 -1.85
N GLN B 73 -1.37 1.06 -3.02
CA GLN B 73 -0.54 0.17 -3.81
C GLN B 73 0.55 0.92 -4.56
N VAL B 74 0.40 2.24 -4.68
CA VAL B 74 1.42 3.11 -5.24
C VAL B 74 1.67 4.26 -4.27
N ILE B 75 2.76 5.00 -4.47
CA ILE B 75 3.08 6.10 -3.58
C ILE B 75 1.85 7.01 -3.41
N LYS B 76 1.77 7.63 -2.22
CA LYS B 76 0.64 8.47 -1.83
C LYS B 76 0.37 9.55 -2.88
N ALA B 77 1.44 10.07 -3.49
CA ALA B 77 1.26 11.17 -4.44
C ALA B 77 0.44 10.71 -5.63
N TRP B 78 0.55 9.42 -5.98
CA TRP B 78 -0.21 8.91 -7.12
C TRP B 78 -1.68 8.75 -6.77
N ASP B 79 -1.95 8.15 -5.62
CA ASP B 79 -3.32 7.99 -5.17
C ASP B 79 -4.05 9.33 -5.12
N ILE B 80 -3.38 10.38 -4.66
CA ILE B 80 -3.97 11.70 -4.57
C ILE B 80 -4.09 12.22 -5.99
N GLY B 81 -3.01 12.03 -6.77
CA GLY B 81 -2.81 12.71 -8.03
C GLY B 81 -3.74 12.18 -9.11
N VAL B 82 -3.77 10.85 -9.27
CA VAL B 82 -4.53 10.24 -10.35
C VAL B 82 -6.03 10.39 -10.04
N ALA B 83 -6.38 10.56 -8.77
CA ALA B 83 -7.77 10.81 -8.40
C ALA B 83 -8.26 12.14 -8.96
N THR B 84 -7.35 13.09 -9.24
CA THR B 84 -7.74 14.37 -9.81
C THR B 84 -7.89 14.28 -11.33
N MET B 85 -7.61 13.13 -11.95
CA MET B 85 -7.45 13.13 -13.40
C MET B 85 -8.71 12.66 -14.09
N LYS B 86 -8.99 13.21 -15.28
CA LYS B 86 -10.10 12.76 -16.13
C LYS B 86 -9.57 11.75 -17.14
N LYS B 87 -10.44 10.85 -17.62
CA LYS B 87 -10.10 9.90 -18.66
C LYS B 87 -9.57 10.68 -19.85
N GLY B 88 -8.40 10.28 -20.36
CA GLY B 88 -7.78 10.94 -21.51
C GLY B 88 -6.79 12.03 -21.10
N GLU B 89 -6.74 12.34 -19.79
CA GLU B 89 -5.92 13.43 -19.29
C GLU B 89 -4.44 13.01 -19.25
N ILE B 90 -3.56 13.94 -19.62
CA ILE B 90 -2.14 13.85 -19.33
C ILE B 90 -1.77 14.95 -18.35
N ALA B 91 -1.07 14.55 -17.27
CA ALA B 91 -0.62 15.49 -16.26
C ALA B 91 0.85 15.28 -15.91
N HIS B 92 1.48 16.35 -15.41
CA HIS B 92 2.76 16.29 -14.71
C HIS B 92 2.55 16.46 -13.20
N LEU B 93 3.25 15.59 -12.44
CA LEU B 93 3.33 15.70 -10.99
C LEU B 93 4.79 15.84 -10.58
N LEU B 94 5.05 16.79 -9.68
CA LEU B 94 6.32 16.93 -8.99
C LEU B 94 6.08 16.68 -7.49
N ILE B 95 6.94 15.86 -6.88
CA ILE B 95 6.61 15.14 -5.65
C ILE B 95 7.78 15.18 -4.68
N LYS B 96 7.61 15.83 -3.51
CA LYS B 96 8.60 15.78 -2.44
C LYS B 96 8.55 14.41 -1.74
N PRO B 97 9.64 13.99 -1.07
CA PRO B 97 9.76 12.65 -0.46
C PRO B 97 8.69 12.18 0.52
N GLU B 98 7.99 13.12 1.14
CA GLU B 98 6.95 12.81 2.12
C GLU B 98 5.79 12.08 1.45
N TYR B 99 5.54 12.34 0.16
CA TYR B 99 4.46 11.69 -0.55
C TYR B 99 5.00 10.64 -1.53
N ALA B 100 6.28 10.27 -1.40
CA ALA B 100 6.90 9.26 -2.25
C ALA B 100 7.52 8.17 -1.36
N TYR B 101 8.84 8.16 -1.22
CA TYR B 101 9.57 7.09 -0.53
C TYR B 101 10.26 7.59 0.73
N GLY B 102 10.08 8.85 1.10
CA GLY B 102 10.41 9.31 2.43
C GLY B 102 11.91 9.28 2.69
N SER B 103 12.23 9.32 3.98
CA SER B 103 13.63 9.39 4.41
C SER B 103 14.29 8.01 4.30
N ALA B 104 13.48 6.94 4.29
CA ALA B 104 13.99 5.58 4.14
C ALA B 104 14.40 5.31 2.69
N GLY B 105 13.71 5.95 1.75
CA GLY B 105 13.90 5.68 0.34
C GLY B 105 13.46 4.26 0.02
N SER B 106 13.89 3.79 -1.17
CA SER B 106 13.72 2.41 -1.57
C SER B 106 15.03 1.93 -2.19
N LEU B 107 16.02 1.72 -1.33
CA LEU B 107 17.41 1.59 -1.75
C LEU B 107 17.66 0.24 -2.39
N PRO B 108 18.44 0.20 -3.49
CA PRO B 108 19.12 1.39 -4.02
C PRO B 108 18.36 2.21 -5.05
N LYS B 109 17.20 1.73 -5.54
CA LYS B 109 16.53 2.38 -6.68
C LYS B 109 16.17 3.84 -6.37
N ILE B 110 15.46 4.05 -5.26
CA ILE B 110 15.12 5.38 -4.81
C ILE B 110 15.98 5.71 -3.60
N PRO B 111 16.82 6.78 -3.68
CA PRO B 111 17.63 7.22 -2.54
C PRO B 111 16.76 7.90 -1.48
N SER B 112 17.34 8.02 -0.28
CA SER B 112 16.75 8.77 0.80
C SER B 112 16.33 10.17 0.34
N ASN B 113 15.12 10.60 0.70
CA ASN B 113 14.68 11.98 0.55
C ASN B 113 14.66 12.43 -0.90
N ALA B 114 14.24 11.53 -1.80
CA ALA B 114 14.21 11.81 -3.22
C ALA B 114 12.94 12.58 -3.61
N THR B 115 13.10 13.50 -4.55
CA THR B 115 12.01 14.16 -5.26
C THR B 115 11.80 13.42 -6.58
N LEU B 116 10.55 13.18 -6.96
CA LEU B 116 10.26 12.46 -8.17
C LEU B 116 9.37 13.34 -9.06
N PHE B 117 9.50 13.06 -10.36
CA PHE B 117 8.70 13.68 -11.39
C PHE B 117 8.06 12.57 -12.22
N PHE B 118 6.77 12.77 -12.52
CA PHE B 118 6.07 11.89 -13.45
C PHE B 118 5.32 12.68 -14.52
N GLU B 119 5.28 12.07 -15.71
CA GLU B 119 4.27 12.37 -16.71
C GLU B 119 3.32 11.18 -16.79
N ILE B 120 2.02 11.45 -16.58
CA ILE B 120 1.00 10.44 -16.39
C ILE B 120 -0.16 10.69 -17.35
N GLU B 121 -0.53 9.63 -18.07
CA GLU B 121 -1.74 9.59 -18.86
C GLU B 121 -2.74 8.61 -18.23
N LEU B 122 -3.93 9.13 -17.92
CA LEU B 122 -5.03 8.28 -17.49
C LEU B 122 -5.78 7.78 -18.72
N LEU B 123 -5.77 6.45 -18.89
CA LEU B 123 -6.38 5.79 -20.05
C LEU B 123 -7.86 5.51 -19.77
N ASP B 124 -8.13 4.96 -18.59
CA ASP B 124 -9.45 4.50 -18.23
C ASP B 124 -9.46 4.15 -16.74
N PHE B 125 -10.68 4.08 -16.17
CA PHE B 125 -10.91 3.48 -14.88
C PHE B 125 -12.25 2.77 -14.89
N LYS B 126 -12.32 1.62 -14.21
CA LYS B 126 -13.54 0.84 -14.07
C LYS B 126 -13.77 0.50 -12.59
N GLY B 127 -15.02 0.20 -12.25
CA GLY B 127 -15.44 -0.03 -10.89
C GLY B 127 -15.00 -1.40 -10.40
N GLU B 128 -14.94 -1.58 -9.07
CA GLU B 128 -14.64 -2.88 -8.47
C GLU B 128 -15.84 -3.82 -8.67
CBF A1H7G C . -10.09 -0.88 8.72
CBE A1H7G C . -9.23 -1.75 9.62
CBG A1H7G C . -9.64 -3.23 9.44
NBC A1H7G C . -7.71 -1.51 9.34
CBD A1H7G C . -6.86 -1.99 8.41
NBB A1H7G C . -7.07 -0.70 10.15
CBA A1H7G C . -5.81 -0.66 9.76
CAZ A1H7G C . -5.71 -1.45 8.69
CAY A1H7G C . -4.41 -1.64 7.96
OAX A1H7G C . -3.65 -2.47 8.86
C A1H7G C . -3.32 -3.77 8.57
O A1H7G C . -3.86 -4.41 7.65
CA A1H7G C . -2.43 -4.39 9.42
CB A1H7G C . -3.07 -5.69 10.00
CAS A1H7G C . -4.15 -5.25 11.02
CAT A1H7G C . -3.55 -4.39 12.13
CAU A1H7G C . -2.94 -3.13 11.63
N A1H7G C . -2.01 -3.42 10.47
CAH A1H7G C . -0.81 -2.80 10.30
OAP A1H7G C . -0.05 -2.98 9.35
CAG A1H7G C . -0.47 -1.72 11.30
CAJ A1H7G C . 1.08 -1.46 11.38
CAK A1H7G C . 1.74 -2.68 12.00
CAL A1H7G C . 3.24 -2.44 12.26
CAM A1H7G C . 3.43 -1.25 13.20
CAN A1H7G C . 2.85 0.01 12.57
CAO A1H7G C . 1.44 -0.21 12.14
CAF A1H7G C . -1.20 -0.54 10.95
CAE A1H7G C . -1.99 0.05 11.93
CAA A1H7G C . -1.05 0.07 9.69
CAB A1H7G C . -1.73 1.29 9.43
OBL A1H7G C . -1.71 2.02 8.28
CBM A1H7G C . -0.69 1.62 7.36
CAC A1H7G C . -2.55 1.81 10.42
OBH A1H7G C . -3.18 2.98 10.15
CBI A1H7G C . -4.52 3.01 9.66
CAD A1H7G C . -2.68 1.21 11.67
OBJ A1H7G C . -3.51 1.82 12.60
CBK A1H7G C . -4.23 0.97 13.52
HB9 A1H7G C . -9.87 0.18 8.91
HCA A1H7G C . -11.15 -1.08 8.93
HBF A1H7G C . -9.89 -1.10 7.68
HBE A1H7G C . -9.42 -1.47 10.65
HCC A1H7G C . -10.28 -3.33 8.56
HBG A1H7G C . -10.19 -3.56 10.32
HCB A1H7G C . -8.76 -3.85 9.31
HBD A1H7G C . -7.08 -2.68 7.61
HBA A1H7G C . -5.02 -0.07 10.22
HAY A1H7G C . -3.80 -0.78 7.96
HB8 A1H7G C . -4.45 -2.20 7.07
HA A1H7G C . -1.57 -4.70 8.83
HB2 A1H7G C . -2.43 -6.24 10.61
HB1 A1H7G C . -3.65 -6.26 9.34
HB4 A1H7G C . -4.93 -4.68 10.51
HB3 A1H7G C . -4.60 -6.13 11.45
HB6 A1H7G C . -4.33 -4.15 12.85
HB5 A1H7G C . -2.77 -4.97 12.64
HB7 A1H7G C . -3.63 -2.47 11.22
HAU A1H7G C . -2.38 -2.70 12.38
HAG A1H7G C . -0.74 -2.04 12.29
HAJ A1H7G C . 1.47 -1.35 10.37
HAL A1H7G C . 1.88 -3.44 11.17
HAK A1H7G C . 1.43 -3.02 12.94
HAN A1H7G C . 3.69 -3.32 12.70
HAM A1H7G C . 3.73 -2.22 11.31
HAP A1H7G C . 2.95 -1.45 14.15
HAO A1H7G C . 4.49 -1.09 13.36
HAR A1H7G C . 2.88 0.81 13.30
HAQ A1H7G C . 3.46 0.28 11.70
HAS A1H7G C . 0.73 0.58 12.30
HAT A1H7G C . 1.17 -0.68 13.08
HAE A1H7G C . -2.10 -0.43 12.90
HAA A1H7G C . -0.39 -0.37 8.94
HCI A1H7G C . -0.64 2.37 6.55
HBM A1H7G C . -0.93 0.65 6.93
HCH A1H7G C . 0.28 1.59 7.86
HCE A1H7G C . -4.63 3.83 8.95
HBI A1H7G C . -5.18 3.16 10.51
HCD A1H7G C . -4.76 2.06 9.18
HCG A1H7G C . -5.11 1.50 13.86
HBK A1H7G C . -3.59 0.73 14.36
HCF A1H7G C . -4.53 0.05 13.02
CBF A1H7G D . 2.75 -3.20 -7.57
CBE A1H7G D . 2.50 -1.89 -8.31
CBG A1H7G D . 1.17 -1.30 -7.81
NBC A1H7G D . 3.72 -0.98 -8.13
CBD A1H7G D . 3.98 -0.03 -7.21
NBB A1H7G D . 4.73 -1.09 -8.91
CBA A1H7G D . 5.67 -0.22 -8.58
CAZ A1H7G D . 5.19 0.43 -7.50
CAY A1H7G D . 5.90 1.47 -6.73
OAX A1H7G D . 6.20 2.57 -7.69
C A1H7G D . 5.34 3.60 -7.53
O A1H7G D . 4.39 3.52 -6.77
CA A1H7G D . 5.57 4.77 -8.38
CB A1H7G D . 4.26 5.36 -8.88
CAS A1H7G D . 3.74 4.46 -10.03
CAT A1H7G D . 4.73 4.09 -11.09
CAU A1H7G D . 5.90 3.44 -10.54
N A1H7G D . 6.50 4.31 -9.48
CAH A1H7G D . 7.80 4.58 -9.28
OAP A1H7G D . 8.13 5.16 -8.29
CAG A1H7G D . 8.84 3.99 -10.14
CAJ A1H7G D . 10.10 4.87 -10.03
CAK A1H7G D . 9.81 6.26 -10.65
CAL A1H7G D . 10.93 7.17 -10.43
CAM A1H7G D . 12.16 6.59 -11.18
CAN A1H7G D . 12.53 5.20 -10.53
CAO A1H7G D . 11.30 4.26 -10.68
CAF A1H7G D . 9.12 2.63 -9.67
CAE A1H7G D . 8.90 1.56 -10.56
CAA A1H7G D . 9.60 2.34 -8.38
CAB A1H7G D . 9.85 0.96 -8.03
OBL A1H7G D . 10.31 0.50 -6.88
CBM A1H7G D . 10.40 1.33 -5.74
CAC A1H7G D . 9.67 -0.04 -8.91
OBH A1H7G D . 9.95 -1.33 -8.45
CBI A1H7G D . 8.94 -2.17 -7.87
CAD A1H7G D . 9.19 0.23 -10.20
OBJ A1H7G D . 8.92 -0.83 -11.05
CBK A1H7G D . 8.79 -0.72 -12.50
HB9 A1H7G D . 3.62 -3.69 -7.98
HCA A1H7G D . 1.88 -3.85 -7.67
HBF A1H7G D . 2.90 -2.99 -6.50
HBE A1H7G D . 2.40 -2.11 -9.38
HCC A1H7G D . 0.92 -1.73 -6.84
HBG A1H7G D . 0.38 -1.54 -8.53
HCB A1H7G D . 1.25 -0.23 -7.71
HBD A1H7G D . 3.34 0.28 -6.40
HBA A1H7G D . 6.63 -0.07 -9.05
HAY A1H7G D . 6.84 1.23 -6.32
HB8 A1H7G D . 5.29 1.91 -6.02
HA A1H7G D . 6.05 5.53 -7.77
HB2 A1H7G D . 4.25 6.39 -9.01
HB1 A1H7G D . 3.51 5.15 -8.22
HB4 A1H7G D . 3.38 3.53 -9.59
HB3 A1H7G D . 2.90 4.93 -10.49
HB6 A1H7G D . 4.26 3.41 -11.80
HB5 A1H7G D . 5.04 4.99 -11.62
HB7 A1H7G D . 5.67 2.57 -10.04
HAU A1H7G D . 6.62 3.30 -11.31
HAG A1H7G D . 8.52 4.00 -11.17
HAJ A1H7G D . 10.36 5.02 -8.99
HAL A1H7G D . 8.93 6.74 -10.57
HAK A1H7G D . 9.91 6.16 -11.67
HAN A1H7G D . 10.69 8.17 -10.83
HAM A1H7G D . 11.14 7.26 -9.36
HAP A1H7G D . 11.96 6.48 -12.24
HAO A1H7G D . 13.00 7.27 -11.05
HAR A1H7G D . 13.39 4.77 -11.03
HAQ A1H7G D . 12.75 5.34 -9.48
HAS A1H7G D . 11.34 3.27 -11.11
HAT A1H7G D . 11.04 4.64 -11.65
HAE A1H7G D . 8.53 1.76 -11.55
HAA A1H7G D . 9.78 3.15 -7.68
HCI A1H7G D . 11.34 1.91 -5.79
HBM A1H7G D . 10.40 0.71 -4.84
HCH A1H7G D . 9.54 2.02 -5.70
HCE A1H7G D . 9.24 -2.44 -6.86
HBI A1H7G D . 8.84 -3.08 -8.48
HCD A1H7G D . 7.99 -1.64 -7.84
HCG A1H7G D . 7.75 -0.52 -12.75
HBK A1H7G D . 9.10 -1.67 -12.96
HCF A1H7G D . 9.42 0.09 -12.88
#